data_4FNX
#
_entry.id   4FNX
#
_cell.length_a   51.628
_cell.length_b   57.543
_cell.length_c   105.885
_cell.angle_alpha   90.000
_cell.angle_beta   90.000
_cell.angle_gamma   90.000
#
_symmetry.space_group_name_H-M   'P 21 21 21'
#
loop_
_entity.id
_entity.type
_entity.pdbx_description
1 polymer 'ALK tyrosine kinase receptor'
2 non-polymer GLYCEROL
3 water water
#
_entity_poly.entity_id   1
_entity_poly.type   'polypeptide(L)'
_entity_poly.pdbx_seq_one_letter_code
;RTSTIMTDYNPNYSFAGKTSSISDLKEVPRKNITLIRGLGHGAFGEVYEGQVSGMPNDPSPLQVAVKTLPEVCSEQDELD
FLMEALIISKFNHQNIVRCIGVSLQSLPRFILLELMAGGDLKSFLRETRPRPSQPSSLAMLDLLHVARDIACGCQYLEEN
HFIHRDIAARNCLLTCPGPGRVAKIGDFGMAQDIYRASYYRKGGCAMLPVKWMPPEAFMEGIFTSKTDTWSFGVLLWEIF
SLGYMPYPSKSNQEVLEFVTSGGRMDPPKNCPGPVYRIMTQCWQHQPEDRPNFAIILERIEYCTQDPDVINTALPIEYGP
LVEEEEK
;
_entity_poly.pdbx_strand_id   A
#
loop_
_chem_comp.id
_chem_comp.type
_chem_comp.name
_chem_comp.formula
GOL non-polymer GLYCEROL 'C3 H8 O3'
#
# COMPACT_ATOMS: atom_id res chain seq x y z
N ASN A 10 -17.59 20.64 -8.86
CA ASN A 10 -18.48 19.60 -8.24
C ASN A 10 -18.34 18.27 -8.98
N PRO A 11 -17.16 17.65 -8.90
CA PRO A 11 -16.91 16.43 -9.67
C PRO A 11 -17.65 15.22 -9.13
N ASN A 12 -18.22 14.42 -10.03
CA ASN A 12 -18.82 13.14 -9.67
C ASN A 12 -17.74 12.05 -9.60
N TYR A 13 -17.93 11.09 -8.71
CA TYR A 13 -17.04 9.92 -8.61
C TYR A 13 -17.85 8.64 -8.63
N SER A 14 -17.46 7.71 -9.49
CA SER A 14 -18.17 6.45 -9.63
C SER A 14 -17.28 5.25 -9.23
N PHE A 15 -17.85 4.41 -8.37
CA PHE A 15 -17.19 3.19 -7.90
C PHE A 15 -18.26 2.13 -7.74
N ALA A 16 -18.00 0.94 -8.27
CA ALA A 16 -18.93 -0.18 -8.16
C ALA A 16 -20.33 0.20 -8.66
N GLY A 17 -20.38 0.93 -9.77
CA GLY A 17 -21.64 1.32 -10.40
C GLY A 17 -22.46 2.37 -9.68
N LYS A 18 -21.89 3.04 -8.68
CA LYS A 18 -22.62 4.05 -7.93
C LYS A 18 -21.84 5.36 -7.96
N THR A 19 -22.58 6.47 -8.10
CA THR A 19 -21.98 7.78 -8.26
C THR A 19 -22.19 8.62 -7.02
N SER A 20 -21.11 9.25 -6.55
CA SER A 20 -21.19 10.10 -5.37
C SER A 20 -20.56 11.44 -5.63
N SER A 21 -20.89 12.39 -4.77
CA SER A 21 -20.35 13.73 -4.86
C SER A 21 -20.01 14.22 -3.46
N ILE A 22 -19.47 15.44 -3.41
CA ILE A 22 -19.08 16.08 -2.16
C ILE A 22 -20.22 16.01 -1.11
N SER A 23 -21.46 16.14 -1.56
CA SER A 23 -22.61 16.08 -0.65
C SER A 23 -22.78 14.72 0.07
N ASP A 24 -22.22 13.64 -0.47
CA ASP A 24 -22.29 12.31 0.16
C ASP A 24 -21.23 12.08 1.26
N LEU A 25 -20.22 12.93 1.33
CA LEU A 25 -19.19 12.80 2.35
C LEU A 25 -19.75 13.18 3.70
N LYS A 26 -19.36 12.43 4.73
CA LYS A 26 -19.83 12.66 6.08
C LYS A 26 -19.07 13.83 6.73
N GLU A 27 -19.71 15.00 6.83
CA GLU A 27 -19.10 16.17 7.44
C GLU A 27 -19.18 16.09 8.97
N VAL A 28 -18.03 16.22 9.60
CA VAL A 28 -17.90 16.17 11.04
C VAL A 28 -17.69 17.60 11.50
N PRO A 29 -18.49 18.07 12.49
CA PRO A 29 -18.32 19.45 12.92
C PRO A 29 -16.91 19.73 13.42
N ARG A 30 -16.32 20.83 12.97
CA ARG A 30 -14.93 21.14 13.29
C ARG A 30 -14.68 21.16 14.80
N LYS A 31 -15.69 21.61 15.57
CA LYS A 31 -15.60 21.67 17.03
C LYS A 31 -15.40 20.33 17.73
N ASN A 32 -15.75 19.23 17.04
CA ASN A 32 -15.60 17.89 17.60
C ASN A 32 -14.23 17.26 17.31
N ILE A 33 -13.37 18.01 16.60
CA ILE A 33 -12.08 17.49 16.16
C ILE A 33 -10.95 18.21 16.88
N THR A 34 -10.07 17.44 17.51
CA THR A 34 -8.91 17.97 18.22
C THR A 34 -7.65 17.30 17.70
N LEU A 35 -6.66 18.09 17.28
CA LEU A 35 -5.36 17.57 16.85
C LEU A 35 -4.47 17.32 18.08
N ILE A 36 -3.75 16.20 18.08
CA ILE A 36 -2.95 15.76 19.22
C ILE A 36 -1.44 15.92 18.95
N ARG A 37 -0.97 15.37 17.83
CA ARG A 37 0.43 15.47 17.42
C ARG A 37 0.56 15.32 15.91
N GLY A 38 1.67 15.82 15.37
CA GLY A 38 2.04 15.57 13.99
C GLY A 38 2.54 14.15 13.81
N LEU A 39 2.33 13.59 12.62
CA LEU A 39 2.79 12.26 12.28
C LEU A 39 3.54 12.30 10.95
N GLU A 46 0.24 17.56 5.43
CA GLU A 46 0.72 16.89 6.63
C GLU A 46 -0.40 16.03 7.23
N VAL A 47 -0.01 15.04 8.02
CA VAL A 47 -0.94 14.15 8.71
C VAL A 47 -0.75 14.25 10.24
N TYR A 48 -1.86 14.26 10.97
CA TYR A 48 -1.85 14.36 12.44
C TYR A 48 -2.62 13.23 13.08
N GLU A 49 -2.25 12.91 14.32
CA GLU A 49 -3.10 12.14 15.17
C GLU A 49 -4.12 13.12 15.73
N GLY A 50 -5.39 12.70 15.76
CA GLY A 50 -6.48 13.50 16.30
C GLY A 50 -7.51 12.68 17.05
N GLN A 51 -8.48 13.35 17.67
CA GLN A 51 -9.61 12.69 18.29
C GLN A 51 -10.91 13.35 17.88
N VAL A 52 -11.93 12.54 17.72
CA VAL A 52 -13.26 13.00 17.33
C VAL A 52 -14.22 12.61 18.45
N SER A 53 -14.95 13.60 18.97
CA SER A 53 -15.90 13.38 20.06
C SER A 53 -17.28 13.02 19.51
N PRO A 59 -16.97 9.59 26.93
CA PRO A 59 -15.79 9.32 27.74
C PRO A 59 -14.61 8.72 26.96
N SER A 60 -14.87 8.19 25.77
CA SER A 60 -13.82 7.58 24.94
C SER A 60 -13.91 8.06 23.49
N PRO A 61 -13.37 9.26 23.21
CA PRO A 61 -13.44 9.75 21.84
C PRO A 61 -12.70 8.85 20.86
N LEU A 62 -13.06 8.96 19.58
CA LEU A 62 -12.49 8.14 18.53
C LEU A 62 -11.12 8.68 18.14
N GLN A 63 -10.10 7.82 18.16
CA GLN A 63 -8.75 8.21 17.73
C GLN A 63 -8.71 8.16 16.20
N VAL A 64 -8.20 9.20 15.56
CA VAL A 64 -8.16 9.27 14.10
C VAL A 64 -6.83 9.80 13.58
N ALA A 65 -6.58 9.56 12.29
CA ALA A 65 -5.53 10.27 11.57
C ALA A 65 -6.22 11.39 10.82
N VAL A 66 -5.61 12.57 10.85
CA VAL A 66 -6.14 13.75 10.15
C VAL A 66 -5.21 14.17 9.02
N LYS A 67 -5.68 14.07 7.79
CA LYS A 67 -4.94 14.55 6.64
C LYS A 67 -5.42 15.96 6.35
N THR A 68 -4.48 16.88 6.18
CA THR A 68 -4.81 18.29 6.01
C THR A 68 -4.48 18.78 4.60
N LEU A 69 -5.28 19.73 4.14
CA LEU A 69 -5.01 20.44 2.91
C LEU A 69 -4.38 21.79 3.28
N PRO A 70 -3.18 22.08 2.74
CA PRO A 70 -2.59 23.41 3.01
C PRO A 70 -3.48 24.54 2.52
N GLU A 71 -3.69 25.56 3.35
CA GLU A 71 -4.48 26.70 2.92
C GLU A 71 -3.87 27.40 1.72
N VAL A 72 -2.54 27.37 1.60
CA VAL A 72 -1.82 27.89 0.44
C VAL A 72 -1.61 26.77 -0.58
N CYS A 73 -2.68 26.40 -1.27
CA CYS A 73 -2.60 25.36 -2.29
C CYS A 73 -3.26 25.86 -3.56
N SER A 74 -2.98 25.18 -4.67
CA SER A 74 -3.62 25.49 -5.95
C SER A 74 -5.03 24.92 -6.01
N GLU A 75 -5.76 25.31 -7.05
CA GLU A 75 -7.13 24.84 -7.24
C GLU A 75 -7.18 23.35 -7.64
N GLN A 76 -6.16 22.89 -8.35
CA GLN A 76 -6.03 21.46 -8.68
C GLN A 76 -5.79 20.66 -7.40
N ASP A 77 -4.97 21.19 -6.49
CA ASP A 77 -4.70 20.54 -5.20
C ASP A 77 -6.00 20.36 -4.41
N GLU A 78 -6.86 21.38 -4.45
CA GLU A 78 -8.18 21.33 -3.82
C GLU A 78 -9.06 20.23 -4.40
N LEU A 79 -9.13 20.17 -5.73
CA LEU A 79 -9.90 19.15 -6.42
C LEU A 79 -9.37 17.77 -6.12
N ASP A 80 -8.04 17.63 -6.13
CA ASP A 80 -7.38 16.36 -5.84
C ASP A 80 -7.66 15.90 -4.41
N PHE A 81 -7.72 16.84 -3.48
CA PHE A 81 -8.03 16.53 -2.07
C PHE A 81 -9.46 16.00 -1.93
N LEU A 82 -10.41 16.69 -2.57
CA LEU A 82 -11.79 16.22 -2.64
C LEU A 82 -11.91 14.82 -3.22
N MET A 83 -11.23 14.59 -4.34
CA MET A 83 -11.31 13.31 -5.03
C MET A 83 -10.74 12.19 -4.16
N GLU A 84 -9.65 12.47 -3.47
CA GLU A 84 -9.10 11.52 -2.51
C GLU A 84 -10.17 11.11 -1.48
N ALA A 85 -10.89 12.10 -0.96
CA ALA A 85 -11.94 11.84 0.01
C ALA A 85 -13.06 10.97 -0.56
N LEU A 86 -13.51 11.30 -1.77
CA LEU A 86 -14.57 10.52 -2.42
C LEU A 86 -14.14 9.06 -2.63
N ILE A 87 -12.91 8.87 -3.11
CA ILE A 87 -12.38 7.55 -3.41
C ILE A 87 -12.33 6.69 -2.15
N ILE A 88 -11.63 7.14 -1.13
CA ILE A 88 -11.49 6.36 0.10
C ILE A 88 -12.83 6.12 0.81
N SER A 89 -13.72 7.12 0.81
CA SER A 89 -15.01 6.98 1.49
C SER A 89 -15.91 5.89 0.89
N LYS A 90 -15.72 5.56 -0.38
CA LYS A 90 -16.57 4.58 -1.02
C LYS A 90 -16.08 3.14 -0.94
N PHE A 91 -14.85 2.91 -0.48
CA PHE A 91 -14.40 1.55 -0.19
C PHE A 91 -14.99 1.04 1.11
N ASN A 92 -15.20 -0.27 1.17
CA ASN A 92 -15.64 -0.98 2.37
C ASN A 92 -14.97 -2.36 2.46
N HIS A 93 -13.78 -2.36 3.05
CA HIS A 93 -13.00 -3.59 3.22
C HIS A 93 -12.05 -3.46 4.38
N GLN A 94 -11.85 -4.56 5.09
CA GLN A 94 -11.06 -4.57 6.32
C GLN A 94 -9.56 -4.34 6.03
N ASN A 95 -9.13 -4.52 4.78
CA ASN A 95 -7.73 -4.23 4.40
C ASN A 95 -7.55 -2.96 3.57
N ILE A 96 -8.51 -2.04 3.70
CA ILE A 96 -8.42 -0.70 3.14
C ILE A 96 -8.76 0.28 4.26
N VAL A 97 -7.88 1.24 4.49
CA VAL A 97 -8.04 2.23 5.58
C VAL A 97 -9.42 2.88 5.52
N ARG A 98 -10.11 2.93 6.66
CA ARG A 98 -11.45 3.53 6.74
C ARG A 98 -11.37 5.05 6.71
N CYS A 99 -12.41 5.68 6.14
CA CYS A 99 -12.62 7.11 6.24
C CYS A 99 -13.74 7.35 7.25
N ILE A 100 -13.41 8.02 8.33
CA ILE A 100 -14.36 8.35 9.41
C ILE A 100 -15.28 9.46 8.92
N GLY A 101 -14.71 10.38 8.15
CA GLY A 101 -15.44 11.48 7.55
C GLY A 101 -14.51 12.59 7.10
N VAL A 102 -15.08 13.77 6.90
CA VAL A 102 -14.32 14.93 6.44
C VAL A 102 -14.74 16.16 7.23
N SER A 103 -13.88 17.16 7.23
CA SER A 103 -14.23 18.51 7.66
C SER A 103 -13.76 19.48 6.57
N LEU A 104 -14.62 19.66 5.57
CA LEU A 104 -14.32 20.49 4.41
C LEU A 104 -14.89 21.90 4.49
N GLN A 105 -15.69 22.20 5.51
CA GLN A 105 -16.35 23.51 5.63
C GLN A 105 -15.61 24.48 6.57
N SER A 106 -14.43 24.08 7.04
CA SER A 106 -13.55 24.97 7.77
C SER A 106 -12.14 24.79 7.21
N LEU A 107 -11.28 25.75 7.50
CA LEU A 107 -9.94 25.81 6.95
C LEU A 107 -8.89 25.70 8.07
N PRO A 108 -7.82 24.93 7.85
CA PRO A 108 -7.55 24.10 6.66
C PRO A 108 -8.51 22.90 6.59
N ARG A 109 -8.76 22.40 5.39
CA ARG A 109 -9.69 21.28 5.23
C ARG A 109 -9.07 19.98 5.73
N PHE A 110 -9.91 19.10 6.27
CA PHE A 110 -9.49 17.81 6.83
C PHE A 110 -10.18 16.63 6.17
N ILE A 111 -9.44 15.53 6.08
CA ILE A 111 -9.99 14.20 5.85
C ILE A 111 -9.62 13.39 7.09
N LEU A 112 -10.60 12.72 7.67
CA LEU A 112 -10.43 11.95 8.89
C LEU A 112 -10.37 10.47 8.55
N LEU A 113 -9.26 9.83 8.88
CA LEU A 113 -9.03 8.43 8.55
C LEU A 113 -8.78 7.58 9.78
N GLU A 114 -8.95 6.27 9.60
CA GLU A 114 -8.53 5.27 10.56
C GLU A 114 -7.09 5.53 10.98
N LEU A 115 -6.84 5.57 12.28
CA LEU A 115 -5.47 5.75 12.80
C LEU A 115 -4.69 4.44 12.69
N MET A 116 -3.58 4.50 11.97
CA MET A 116 -2.76 3.31 11.72
C MET A 116 -1.45 3.50 12.47
N ALA A 117 -1.49 3.08 13.74
CA ALA A 117 -0.43 3.38 14.71
C ALA A 117 0.92 2.75 14.37
N GLY A 118 0.91 1.70 13.57
CA GLY A 118 2.15 1.08 13.08
C GLY A 118 2.87 1.82 11.96
N GLY A 119 2.24 2.83 11.38
CA GLY A 119 2.82 3.64 10.33
C GLY A 119 2.92 2.90 9.02
N ASP A 120 3.71 3.43 8.09
CA ASP A 120 3.82 2.82 6.77
C ASP A 120 4.68 1.56 6.79
N LEU A 121 4.37 0.66 5.89
CA LEU A 121 4.97 -0.66 5.88
C LEU A 121 6.46 -0.63 5.55
N LYS A 122 6.88 0.26 4.66
CA LYS A 122 8.30 0.36 4.30
C LYS A 122 9.11 0.75 5.53
N SER A 123 8.69 1.81 6.21
CA SER A 123 9.37 2.27 7.42
C SER A 123 9.36 1.20 8.50
N PHE A 124 8.22 0.54 8.69
CA PHE A 124 8.10 -0.56 9.64
C PHE A 124 9.11 -1.68 9.37
N LEU A 125 9.19 -2.13 8.13
CA LEU A 125 10.11 -3.20 7.80
C LEU A 125 11.56 -2.82 8.11
N ARG A 126 11.95 -1.61 7.74
CA ARG A 126 13.32 -1.15 7.95
C ARG A 126 13.65 -1.05 9.43
N GLU A 127 12.71 -0.49 10.20
CA GLU A 127 12.91 -0.24 11.63
C GLU A 127 12.81 -1.50 12.49
N THR A 128 12.17 -2.54 11.96
CA THR A 128 11.86 -3.75 12.71
C THR A 128 12.64 -4.96 12.21
N ARG A 129 13.65 -4.71 11.37
CA ARG A 129 14.58 -5.75 10.92
C ARG A 129 15.21 -6.48 12.12
N PRO A 130 15.27 -7.82 12.06
CA PRO A 130 16.05 -8.51 13.10
C PRO A 130 17.48 -7.96 13.20
N ARG A 131 17.88 -7.61 14.41
CA ARG A 131 19.24 -7.15 14.73
C ARG A 131 19.67 -7.88 16.00
N PRO A 132 20.95 -7.77 16.38
CA PRO A 132 21.38 -8.39 17.64
C PRO A 132 20.61 -7.89 18.89
N SER A 133 20.25 -6.60 18.90
CA SER A 133 19.41 -6.04 19.96
C SER A 133 17.98 -6.59 19.96
N GLN A 134 17.48 -6.92 18.77
CA GLN A 134 16.14 -7.52 18.61
C GLN A 134 16.22 -8.72 17.65
N PRO A 135 16.73 -9.88 18.15
CA PRO A 135 17.06 -11.03 17.29
C PRO A 135 15.86 -11.74 16.64
N SER A 136 14.68 -11.60 17.24
CA SER A 136 13.47 -12.24 16.73
C SER A 136 12.33 -11.22 16.61
N SER A 137 12.64 -10.03 16.10
CA SER A 137 11.66 -8.97 15.95
C SER A 137 10.59 -9.32 14.92
N LEU A 138 10.99 -10.00 13.85
CA LEU A 138 10.06 -10.51 12.82
C LEU A 138 10.43 -11.94 12.42
N ALA A 139 9.43 -12.71 12.01
CA ALA A 139 9.62 -14.02 11.39
C ALA A 139 8.87 -14.10 10.04
N MET A 140 9.11 -15.18 9.30
CA MET A 140 8.49 -15.35 7.98
C MET A 140 6.97 -15.26 8.00
N LEU A 141 6.35 -15.77 9.06
CA LEU A 141 4.90 -15.74 9.16
C LEU A 141 4.38 -14.31 9.27
N ASP A 142 5.11 -13.44 9.96
CA ASP A 142 4.75 -12.01 10.03
C ASP A 142 4.68 -11.41 8.63
N LEU A 143 5.66 -11.75 7.82
CA LEU A 143 5.74 -11.24 6.44
C LEU A 143 4.63 -11.83 5.56
N LEU A 144 4.37 -13.13 5.68
CA LEU A 144 3.32 -13.77 4.91
C LEU A 144 1.94 -13.22 5.30
N HIS A 145 1.78 -12.86 6.56
CA HIS A 145 0.51 -12.30 7.02
C HIS A 145 0.29 -10.91 6.44
N VAL A 146 1.34 -10.08 6.41
CA VAL A 146 1.29 -8.78 5.74
C VAL A 146 0.94 -8.95 4.25
N ALA A 147 1.63 -9.87 3.58
CA ALA A 147 1.34 -10.16 2.18
C ALA A 147 -0.12 -10.57 1.92
N ARG A 148 -0.62 -11.49 2.76
CA ARG A 148 -1.99 -11.93 2.69
C ARG A 148 -2.96 -10.76 2.88
N ASP A 149 -2.70 -9.93 3.88
CA ASP A 149 -3.53 -8.75 4.18
C ASP A 149 -3.66 -7.85 2.95
N ILE A 150 -2.52 -7.49 2.35
CA ILE A 150 -2.55 -6.58 1.20
C ILE A 150 -3.18 -7.28 -0.02
N ALA A 151 -2.89 -8.57 -0.23
CA ALA A 151 -3.51 -9.32 -1.34
C ALA A 151 -5.04 -9.35 -1.20
N CYS A 152 -5.52 -9.44 0.05
CA CYS A 152 -6.95 -9.42 0.33
C CYS A 152 -7.57 -8.08 -0.08
N GLY A 153 -6.92 -6.98 0.28
CA GLY A 153 -7.35 -5.65 -0.17
C GLY A 153 -7.34 -5.54 -1.69
N CYS A 154 -6.29 -6.09 -2.30
CA CYS A 154 -6.13 -6.04 -3.76
C CYS A 154 -7.22 -6.86 -4.44
N GLN A 155 -7.60 -7.98 -3.85
CA GLN A 155 -8.65 -8.83 -4.41
C GLN A 155 -9.97 -8.08 -4.38
N TYR A 156 -10.23 -7.37 -3.27
CA TYR A 156 -11.42 -6.53 -3.15
C TYR A 156 -11.44 -5.48 -4.27
N LEU A 157 -10.30 -4.82 -4.50
CA LEU A 157 -10.26 -3.81 -5.56
C LEU A 157 -10.52 -4.47 -6.93
N GLU A 158 -9.88 -5.61 -7.17
CA GLU A 158 -10.01 -6.33 -8.45
C GLU A 158 -11.48 -6.70 -8.66
N GLU A 159 -12.12 -7.30 -7.65
CA GLU A 159 -13.51 -7.73 -7.77
C GLU A 159 -14.46 -6.57 -8.08
N ASN A 160 -14.07 -5.36 -7.64
CA ASN A 160 -14.88 -4.15 -7.82
C ASN A 160 -14.39 -3.26 -8.94
N HIS A 161 -13.48 -3.81 -9.74
CA HIS A 161 -13.02 -3.20 -10.98
C HIS A 161 -12.30 -1.89 -10.75
N PHE A 162 -11.62 -1.77 -9.61
CA PHE A 162 -10.79 -0.62 -9.30
C PHE A 162 -9.34 -0.98 -9.51
N ILE A 163 -8.66 -0.21 -10.36
CA ILE A 163 -7.25 -0.42 -10.66
C ILE A 163 -6.43 0.56 -9.85
N HIS A 164 -5.62 0.05 -8.92
CA HIS A 164 -4.92 0.90 -7.98
C HIS A 164 -3.87 1.75 -8.63
N ARG A 165 -3.06 1.15 -9.50
CA ARG A 165 -2.03 1.89 -10.25
C ARG A 165 -0.96 2.50 -9.36
N ASP A 166 -0.78 1.99 -8.14
CA ASP A 166 0.27 2.49 -7.25
C ASP A 166 0.56 1.57 -6.04
N ILE A 167 0.46 0.24 -6.23
CA ILE A 167 0.73 -0.69 -5.13
C ILE A 167 2.24 -0.64 -4.85
N ALA A 168 2.58 -0.44 -3.57
CA ALA A 168 3.95 -0.29 -3.08
C ALA A 168 3.96 -0.23 -1.55
N ALA A 169 5.07 -0.66 -0.94
CA ALA A 169 5.16 -0.73 0.51
C ALA A 169 4.86 0.64 1.17
N ARG A 170 5.31 1.73 0.55
CA ARG A 170 5.10 3.10 1.08
C ARG A 170 3.61 3.47 1.18
N ASN A 171 2.76 2.80 0.41
CA ASN A 171 1.33 3.11 0.35
C ASN A 171 0.46 2.16 1.19
N CYS A 172 1.12 1.31 1.96
CA CYS A 172 0.46 0.38 2.88
C CYS A 172 0.80 0.82 4.29
N LEU A 173 -0.14 0.57 5.21
CA LEU A 173 -0.04 0.98 6.60
C LEU A 173 -0.36 -0.18 7.55
N LEU A 174 0.15 -0.10 8.79
CA LEU A 174 -0.08 -1.12 9.81
C LEU A 174 -0.89 -0.57 10.98
N THR A 175 -1.79 -1.39 11.52
CA THR A 175 -2.70 -0.94 12.58
C THR A 175 -1.96 -0.65 13.87
N CYS A 176 -0.90 -1.42 14.10
CA CYS A 176 -0.06 -1.29 15.29
C CYS A 176 1.29 -1.92 14.98
N PRO A 177 2.34 -1.55 15.73
CA PRO A 177 3.66 -2.12 15.45
C PRO A 177 3.82 -3.58 15.93
N GLY A 178 3.14 -3.92 17.02
CA GLY A 178 3.33 -5.22 17.67
C GLY A 178 2.53 -6.34 17.04
N PRO A 179 2.56 -7.53 17.67
CA PRO A 179 1.85 -8.70 17.14
C PRO A 179 0.35 -8.44 17.02
N GLY A 180 -0.28 -9.10 16.06
CA GLY A 180 -1.68 -8.85 15.72
C GLY A 180 -1.87 -7.69 14.75
N ARG A 181 -0.79 -7.07 14.31
CA ARG A 181 -0.87 -6.00 13.32
C ARG A 181 -1.65 -6.48 12.10
N VAL A 182 -2.40 -5.57 11.52
CA VAL A 182 -3.08 -5.80 10.24
C VAL A 182 -2.58 -4.75 9.24
N ALA A 183 -2.18 -5.21 8.05
CA ALA A 183 -1.77 -4.33 6.96
C ALA A 183 -2.95 -3.95 6.08
N LYS A 184 -2.98 -2.69 5.68
CA LYS A 184 -4.03 -2.13 4.83
C LYS A 184 -3.48 -1.22 3.77
N ILE A 185 -4.17 -1.14 2.63
CA ILE A 185 -3.81 -0.18 1.60
C ILE A 185 -4.32 1.19 2.08
N GLY A 186 -3.44 2.18 2.09
CA GLY A 186 -3.73 3.46 2.74
C GLY A 186 -3.79 4.69 1.84
N ASP A 187 -3.25 4.59 0.63
CA ASP A 187 -3.15 5.75 -0.27
C ASP A 187 -3.64 5.38 -1.66
N PHE A 188 -4.34 6.31 -2.32
CA PHE A 188 -4.96 6.07 -3.64
C PHE A 188 -4.69 7.15 -4.70
N GLY A 189 -3.42 7.51 -4.84
CA GLY A 189 -2.98 8.55 -5.77
C GLY A 189 -2.83 8.18 -7.24
N MET A 190 -2.86 6.88 -7.56
CA MET A 190 -2.76 6.38 -8.94
C MET A 190 -1.52 6.89 -9.68
N ALA A 191 -0.41 6.99 -8.96
CA ALA A 191 0.81 7.66 -9.42
C ALA A 191 1.40 7.13 -10.72
N GLN A 192 1.19 5.84 -11.02
CA GLN A 192 1.76 5.24 -12.25
C GLN A 192 1.09 5.71 -13.53
N ASP A 193 -0.11 6.25 -13.43
CA ASP A 193 -0.95 6.53 -14.59
C ASP A 193 -0.87 8.01 -14.98
N ILE A 194 -0.09 8.32 -16.03
CA ILE A 194 0.06 9.72 -16.46
C ILE A 194 -1.20 10.29 -17.09
N TYR A 195 -2.12 9.42 -17.49
CA TYR A 195 -3.43 9.84 -18.02
C TYR A 195 -4.48 9.76 -16.91
N CYS A 205 8.74 11.17 -16.66
CA CYS A 205 8.53 11.93 -15.44
C CYS A 205 9.39 11.39 -14.30
N ALA A 206 10.10 12.30 -13.62
CA ALA A 206 10.97 11.95 -12.51
C ALA A 206 10.21 11.49 -11.24
N MET A 207 8.90 11.69 -11.19
CA MET A 207 8.09 11.24 -10.05
C MET A 207 7.31 9.96 -10.34
N LEU A 208 7.44 9.45 -11.57
CA LEU A 208 6.74 8.23 -11.97
C LEU A 208 7.35 7.01 -11.25
N PRO A 209 6.53 6.21 -10.57
CA PRO A 209 7.02 5.00 -9.85
C PRO A 209 7.32 3.83 -10.78
N VAL A 210 8.27 4.06 -11.68
CA VAL A 210 8.69 3.10 -12.70
C VAL A 210 9.02 1.72 -12.14
N LYS A 211 9.62 1.68 -10.95
CA LYS A 211 10.09 0.41 -10.36
C LYS A 211 8.97 -0.53 -9.94
N TRP A 212 7.72 -0.05 -9.96
CA TRP A 212 6.53 -0.84 -9.66
C TRP A 212 5.69 -1.13 -10.89
N MET A 213 6.11 -0.67 -12.07
CA MET A 213 5.25 -0.71 -13.24
C MET A 213 5.58 -1.86 -14.19
N PRO A 214 4.55 -2.57 -14.70
CA PRO A 214 4.78 -3.55 -15.76
C PRO A 214 5.05 -2.89 -17.11
N PRO A 215 5.58 -3.64 -18.08
CA PRO A 215 5.86 -3.11 -19.44
C PRO A 215 4.73 -2.39 -20.19
N GLU A 216 3.54 -2.97 -20.24
CA GLU A 216 2.43 -2.31 -20.91
C GLU A 216 2.04 -0.98 -20.28
N ALA A 217 2.29 -0.83 -18.97
CA ALA A 217 2.01 0.42 -18.28
C ALA A 217 3.00 1.51 -18.69
N PHE A 218 4.31 1.26 -18.59
CA PHE A 218 5.26 2.33 -18.94
C PHE A 218 5.41 2.55 -20.46
N MET A 219 5.07 1.55 -21.28
CA MET A 219 5.18 1.68 -22.73
C MET A 219 3.92 2.26 -23.39
N GLU A 220 2.75 1.76 -22.99
CA GLU A 220 1.48 2.09 -23.66
C GLU A 220 0.50 2.82 -22.76
N GLY A 221 0.81 2.98 -21.47
CA GLY A 221 -0.14 3.55 -20.53
C GLY A 221 -1.40 2.72 -20.40
N ILE A 222 -1.29 1.41 -20.56
CA ILE A 222 -2.43 0.52 -20.39
C ILE A 222 -2.43 -0.02 -18.97
N PHE A 223 -3.54 0.17 -18.26
CA PHE A 223 -3.68 -0.36 -16.91
C PHE A 223 -4.90 -1.28 -16.81
N THR A 224 -4.72 -2.40 -16.13
CA THR A 224 -5.77 -3.38 -15.83
C THR A 224 -5.45 -3.99 -14.47
N SER A 225 -6.29 -4.90 -13.97
CA SER A 225 -6.00 -5.57 -12.71
C SER A 225 -4.72 -6.39 -12.78
N LYS A 226 -4.31 -6.80 -13.99
CA LYS A 226 -3.06 -7.51 -14.14
C LYS A 226 -1.84 -6.58 -14.01
N THR A 227 -2.04 -5.27 -14.13
CA THR A 227 -0.97 -4.33 -13.85
C THR A 227 -0.80 -4.22 -12.30
N ASP A 228 -1.91 -4.32 -11.53
CA ASP A 228 -1.80 -4.41 -10.06
C ASP A 228 -1.09 -5.70 -9.59
N THR A 229 -1.32 -6.81 -10.29
CA THR A 229 -0.59 -8.05 -10.00
C THR A 229 0.91 -7.85 -10.09
N TRP A 230 1.38 -7.20 -11.16
CA TRP A 230 2.80 -6.93 -11.28
C TRP A 230 3.32 -6.13 -10.10
N SER A 231 2.65 -5.04 -9.79
CA SER A 231 3.07 -4.20 -8.70
C SER A 231 3.06 -4.95 -7.37
N PHE A 232 2.08 -5.82 -7.18
CA PHE A 232 2.06 -6.66 -5.99
C PHE A 232 3.30 -7.54 -5.85
N GLY A 233 3.76 -8.11 -6.97
CA GLY A 233 5.01 -8.84 -7.00
C GLY A 233 6.19 -8.02 -6.48
N VAL A 234 6.27 -6.76 -6.90
CA VAL A 234 7.33 -5.85 -6.43
C VAL A 234 7.16 -5.59 -4.91
N LEU A 235 5.91 -5.39 -4.45
CA LEU A 235 5.65 -5.26 -3.01
C LEU A 235 6.12 -6.50 -2.22
N LEU A 236 5.85 -7.69 -2.75
CA LEU A 236 6.27 -8.93 -2.11
C LEU A 236 7.79 -8.95 -1.93
N TRP A 237 8.51 -8.49 -2.95
CA TRP A 237 9.95 -8.36 -2.84
C TRP A 237 10.34 -7.37 -1.76
N GLU A 238 9.66 -6.23 -1.70
CA GLU A 238 9.88 -5.23 -0.65
C GLU A 238 9.69 -5.84 0.73
N ILE A 239 8.63 -6.62 0.90
CA ILE A 239 8.34 -7.27 2.17
C ILE A 239 9.43 -8.25 2.54
N PHE A 240 9.77 -9.17 1.64
CA PHE A 240 10.71 -10.24 1.99
C PHE A 240 12.17 -9.81 2.06
N SER A 241 12.46 -8.63 1.50
CA SER A 241 13.74 -7.97 1.64
C SER A 241 13.82 -7.13 2.91
N LEU A 242 12.71 -7.03 3.62
CA LEU A 242 12.64 -6.19 4.84
C LEU A 242 12.88 -4.71 4.53
N GLY A 243 12.28 -4.23 3.43
CA GLY A 243 12.18 -2.81 3.18
C GLY A 243 13.26 -2.19 2.30
N TYR A 244 13.95 -3.00 1.51
CA TYR A 244 14.90 -2.46 0.52
C TYR A 244 14.18 -1.80 -0.65
N MET A 245 14.84 -0.81 -1.24
CA MET A 245 14.40 -0.25 -2.51
C MET A 245 14.53 -1.32 -3.60
N PRO A 246 13.46 -1.54 -4.39
CA PRO A 246 13.56 -2.47 -5.51
C PRO A 246 14.68 -2.16 -6.51
N TYR A 247 15.19 -3.22 -7.16
CA TYR A 247 16.24 -3.11 -8.17
C TYR A 247 17.47 -2.39 -7.61
N PRO A 248 18.13 -3.02 -6.61
CA PRO A 248 19.32 -2.45 -5.95
C PRO A 248 20.31 -1.88 -6.96
N SER A 249 20.68 -0.63 -6.75
CA SER A 249 21.69 0.08 -7.55
C SER A 249 21.23 0.58 -8.92
N LYS A 250 20.00 0.26 -9.32
CA LYS A 250 19.51 0.70 -10.62
C LYS A 250 18.67 1.96 -10.50
N SER A 251 18.91 2.91 -11.40
CA SER A 251 18.09 4.09 -11.57
C SER A 251 16.77 3.73 -12.24
N ASN A 252 15.84 4.68 -12.27
CA ASN A 252 14.56 4.46 -12.97
C ASN A 252 14.70 4.02 -14.43
N GLN A 253 15.51 4.72 -15.22
CA GLN A 253 15.71 4.34 -16.63
C GLN A 253 16.41 3.00 -16.79
N GLU A 254 17.37 2.72 -15.92
CA GLU A 254 18.02 1.42 -15.91
C GLU A 254 17.02 0.30 -15.64
N VAL A 255 16.09 0.54 -14.73
CA VAL A 255 15.04 -0.45 -14.44
C VAL A 255 14.11 -0.61 -15.63
N LEU A 256 13.69 0.50 -16.24
CA LEU A 256 12.84 0.47 -17.42
C LEU A 256 13.45 -0.41 -18.52
N GLU A 257 14.73 -0.19 -18.81
CA GLU A 257 15.39 -0.94 -19.88
C GLU A 257 15.58 -2.41 -19.45
N PHE A 258 15.91 -2.63 -18.19
CA PHE A 258 16.11 -3.97 -17.64
C PHE A 258 14.83 -4.79 -17.75
N VAL A 259 13.73 -4.25 -17.24
CA VAL A 259 12.47 -5.00 -17.22
C VAL A 259 11.91 -5.24 -18.63
N THR A 260 12.01 -4.21 -19.48
CA THR A 260 11.60 -4.31 -20.87
C THR A 260 12.31 -5.46 -21.58
N SER A 261 13.58 -5.66 -21.27
CA SER A 261 14.35 -6.74 -21.88
C SER A 261 14.24 -8.10 -21.19
N GLY A 262 13.34 -8.26 -20.22
CA GLY A 262 13.14 -9.53 -19.55
C GLY A 262 13.83 -9.71 -18.22
N GLY A 263 14.58 -8.69 -17.78
CA GLY A 263 15.28 -8.73 -16.51
C GLY A 263 14.31 -8.71 -15.34
N ARG A 264 14.63 -9.49 -14.32
CA ARG A 264 13.84 -9.55 -13.07
C ARG A 264 14.76 -9.53 -11.84
N MET A 265 14.23 -9.05 -10.72
CA MET A 265 14.98 -9.10 -9.48
C MET A 265 15.31 -10.53 -9.05
N ASP A 266 16.45 -10.67 -8.36
CA ASP A 266 16.82 -11.90 -7.72
C ASP A 266 15.99 -12.06 -6.45
N PRO A 267 16.01 -13.26 -5.85
CA PRO A 267 15.31 -13.37 -4.57
C PRO A 267 15.92 -12.47 -3.50
N PRO A 268 15.08 -11.93 -2.61
CA PRO A 268 15.65 -11.31 -1.42
C PRO A 268 16.45 -12.31 -0.58
N LYS A 269 17.34 -11.79 0.25
CA LYS A 269 18.17 -12.63 1.12
C LYS A 269 17.33 -13.59 1.97
N ASN A 270 17.66 -14.88 1.91
CA ASN A 270 16.94 -15.97 2.61
C ASN A 270 15.52 -16.24 2.14
N CYS A 271 15.09 -15.65 1.03
CA CYS A 271 13.72 -15.82 0.56
C CYS A 271 13.45 -17.26 0.18
N PRO A 272 12.42 -17.88 0.78
CA PRO A 272 12.08 -19.24 0.36
C PRO A 272 11.67 -19.34 -1.11
N GLY A 273 12.02 -20.45 -1.75
CA GLY A 273 11.67 -20.68 -3.15
C GLY A 273 10.20 -20.47 -3.49
N PRO A 274 9.29 -21.04 -2.69
CA PRO A 274 7.86 -20.89 -2.93
C PRO A 274 7.40 -19.43 -2.97
N VAL A 275 7.98 -18.58 -2.12
CA VAL A 275 7.64 -17.16 -2.07
C VAL A 275 8.22 -16.44 -3.28
N TYR A 276 9.47 -16.73 -3.62
CA TYR A 276 10.05 -16.15 -4.84
C TYR A 276 9.23 -16.51 -6.09
N ARG A 277 8.70 -17.72 -6.15
CA ARG A 277 7.91 -18.13 -7.31
C ARG A 277 6.59 -17.37 -7.46
N ILE A 278 6.03 -16.87 -6.36
CA ILE A 278 4.89 -15.97 -6.47
C ILE A 278 5.32 -14.69 -7.17
N MET A 279 6.46 -14.14 -6.76
CA MET A 279 7.00 -12.91 -7.36
C MET A 279 7.20 -13.10 -8.85
N THR A 280 7.84 -14.19 -9.23
CA THR A 280 8.18 -14.35 -10.65
C THR A 280 6.94 -14.62 -11.52
N GLN A 281 5.89 -15.22 -10.95
CA GLN A 281 4.61 -15.34 -11.63
C GLN A 281 3.89 -13.99 -11.80
N CYS A 282 3.95 -13.15 -10.77
CA CYS A 282 3.46 -11.78 -10.85
C CYS A 282 4.17 -10.94 -11.94
N TRP A 283 5.43 -11.28 -12.21
CA TRP A 283 6.23 -10.57 -13.21
C TRP A 283 6.29 -11.23 -14.56
N GLN A 284 5.34 -12.09 -14.91
CA GLN A 284 5.29 -12.59 -16.30
C GLN A 284 5.11 -11.42 -17.29
N HIS A 285 5.82 -11.47 -18.41
CA HIS A 285 5.76 -10.40 -19.41
C HIS A 285 4.36 -10.12 -19.90
N GLN A 286 3.61 -11.16 -20.30
CA GLN A 286 2.24 -10.94 -20.77
C GLN A 286 1.24 -10.93 -19.60
N PRO A 287 0.38 -9.90 -19.52
CA PRO A 287 -0.60 -9.78 -18.42
C PRO A 287 -1.47 -11.02 -18.24
N GLU A 288 -1.91 -11.62 -19.34
CA GLU A 288 -2.72 -12.85 -19.29
C GLU A 288 -2.04 -14.06 -18.62
N ASP A 289 -0.71 -14.04 -18.53
CA ASP A 289 0.06 -15.10 -17.89
C ASP A 289 0.31 -14.87 -16.37
N ARG A 290 -0.08 -13.70 -15.88
CA ARG A 290 0.09 -13.36 -14.47
C ARG A 290 -1.13 -13.87 -13.72
N PRO A 291 -0.95 -14.26 -12.45
CA PRO A 291 -2.13 -14.70 -11.68
C PRO A 291 -3.03 -13.55 -11.28
N ASN A 292 -4.32 -13.81 -11.13
CA ASN A 292 -5.23 -12.87 -10.46
C ASN A 292 -5.05 -12.98 -8.93
N PHE A 293 -5.76 -12.14 -8.18
CA PHE A 293 -5.50 -12.09 -6.73
C PHE A 293 -6.05 -13.29 -5.95
N ALA A 294 -7.04 -13.97 -6.50
CA ALA A 294 -7.51 -15.22 -5.89
C ALA A 294 -6.41 -16.28 -5.90
N ILE A 295 -5.71 -16.39 -7.02
CA ILE A 295 -4.60 -17.34 -7.13
C ILE A 295 -3.43 -16.91 -6.27
N ILE A 296 -3.13 -15.61 -6.24
CA ILE A 296 -2.06 -15.09 -5.36
C ILE A 296 -2.37 -15.46 -3.91
N LEU A 297 -3.61 -15.28 -3.49
CA LEU A 297 -3.99 -15.61 -2.11
C LEU A 297 -3.84 -17.10 -1.85
N GLU A 298 -4.23 -17.93 -2.82
CA GLU A 298 -4.08 -19.38 -2.70
C GLU A 298 -2.62 -19.77 -2.49
N ARG A 299 -1.73 -19.12 -3.25
CA ARG A 299 -0.30 -19.41 -3.19
C ARG A 299 0.31 -18.93 -1.89
N ILE A 300 -0.11 -17.76 -1.43
CA ILE A 300 0.37 -17.26 -0.15
C ILE A 300 -0.07 -18.22 0.97
N GLU A 301 -1.29 -18.71 0.90
CA GLU A 301 -1.78 -19.65 1.90
C GLU A 301 -0.94 -20.93 1.92
N TYR A 302 -0.64 -21.47 0.74
CA TYR A 302 0.20 -22.65 0.64
C TYR A 302 1.57 -22.44 1.28
N CYS A 303 2.19 -21.28 1.02
CA CYS A 303 3.46 -20.94 1.68
C CYS A 303 3.31 -20.90 3.20
N THR A 304 2.20 -20.34 3.66
CA THR A 304 1.97 -20.14 5.09
C THR A 304 1.84 -21.49 5.81
N GLN A 305 1.33 -22.48 5.10
CA GLN A 305 1.17 -23.86 5.62
C GLN A 305 2.47 -24.66 5.65
N ASP A 306 3.41 -24.32 4.78
CA ASP A 306 4.62 -25.11 4.57
C ASP A 306 5.66 -24.88 5.68
N PRO A 307 5.90 -25.90 6.53
CA PRO A 307 6.88 -25.69 7.61
C PRO A 307 8.27 -25.23 7.15
N ASP A 308 8.73 -25.71 5.99
CA ASP A 308 10.06 -25.35 5.48
C ASP A 308 10.12 -23.88 5.11
N VAL A 309 9.00 -23.32 4.68
CA VAL A 309 8.92 -21.89 4.43
C VAL A 309 8.94 -21.12 5.75
N ILE A 310 7.98 -21.39 6.63
CA ILE A 310 7.81 -20.56 7.82
C ILE A 310 8.88 -20.77 8.90
N ASN A 311 9.60 -21.89 8.84
CA ASN A 311 10.74 -22.10 9.75
C ASN A 311 12.06 -21.54 9.21
N THR A 312 12.01 -20.83 8.08
CA THR A 312 13.21 -20.19 7.56
C THR A 312 13.53 -18.92 8.35
N ALA A 313 14.77 -18.81 8.80
CA ALA A 313 15.18 -17.67 9.58
C ALA A 313 15.44 -16.48 8.66
N LEU A 314 14.96 -15.30 9.07
CA LEU A 314 15.30 -14.06 8.39
C LEU A 314 16.74 -13.67 8.71
N PRO A 315 17.39 -12.98 7.77
CA PRO A 315 18.75 -12.54 8.04
C PRO A 315 18.80 -11.54 9.21
N ILE A 316 19.88 -11.57 9.97
CA ILE A 316 20.09 -10.61 11.06
C ILE A 316 21.00 -9.53 10.52
N GLU A 317 20.54 -8.29 10.60
CA GLU A 317 21.31 -7.14 10.17
C GLU A 317 22.20 -6.74 11.34
N TYR A 318 23.51 -6.70 11.12
CA TYR A 318 24.47 -6.56 12.22
C TYR A 318 24.41 -5.16 12.85
N GLY A 319 24.44 -5.14 14.19
CA GLY A 319 24.46 -3.92 14.99
C GLY A 319 24.86 -4.20 16.44
N PRO A 320 24.75 -3.19 17.33
CA PRO A 320 25.07 -3.38 18.76
C PRO A 320 23.93 -4.02 19.58
N LEU A 321 24.24 -4.48 20.79
CA LEU A 321 23.22 -5.05 21.68
C LEU A 321 22.29 -3.95 22.22
C1 GOL B . 17.64 -7.83 0.10
O1 GOL B . 17.23 -9.08 0.68
C2 GOL B . 18.94 -8.01 -0.68
O2 GOL B . 19.02 -9.33 -1.23
C3 GOL B . 19.03 -6.99 -1.81
O3 GOL B . 19.93 -5.92 -1.46
#